data_8WY7
#
_entry.id   8WY7
#
_cell.length_a   140.150
_cell.length_b   140.150
_cell.length_c   134.299
_cell.angle_alpha   90.00
_cell.angle_beta   90.00
_cell.angle_gamma   120.00
#
_symmetry.space_group_name_H-M   'P 61 2 2'
#
loop_
_entity.id
_entity.type
_entity.pdbx_description
1 polymer 'Bromodomain-containing protein 4'
2 non-polymer 2-[[5-[2-(4-fluoranyl-2,6-dimethyl-phenoxy)-5-(2-oxidanylpropan-2-yl)phenyl]-1-methyl-2-oxidanylidene-pyridin-4-yl]amino]-~{N}-(4-oxidanylcyclohexyl)ethanamide
3 water water
#
_entity_poly.entity_id   1
_entity_poly.type   'polypeptide(L)'
_entity_poly.pdbx_seq_one_letter_code
;MKKGHHHHHHLVPRGSNPPPPETSNPNKPKRQTNQLQYLLRVVLKTLWKHQFAWPFQQPVDAVKLNLPDYYKIIKTPMDM
GTIKKRLENNYYWNAQECIQDFNTMFTNCYIYNKPGDDIVLMAEALEKLFLQKINELPTEE
;
_entity_poly.pdbx_strand_id   A,B,C
#
loop_
_chem_comp.id
_chem_comp.type
_chem_comp.name
_chem_comp.formula
XHN non-polymer 2-[[5-[2-(4-fluoranyl-2,6-dimethyl-phenoxy)-5-(2-oxidanylpropan-2-yl)phenyl]-1-methyl-2-oxidanylidene-pyridin-4-yl]amino]-~{N}-(4-oxidanylcyclohexyl)ethanamide 'C31 H38 F N3 O5'
#
# COMPACT_ATOMS: atom_id res chain seq x y z
N THR A 33 25.80 -1.09 -12.23
CA THR A 33 24.36 -0.71 -12.35
C THR A 33 24.12 0.76 -11.85
N ASN A 34 22.94 1.28 -12.18
CA ASN A 34 22.54 2.70 -11.98
C ASN A 34 22.17 3.03 -10.52
N GLN A 35 22.47 4.25 -10.12
CA GLN A 35 22.30 4.68 -8.74
C GLN A 35 20.83 4.95 -8.39
N LEU A 36 20.05 5.55 -9.29
CA LEU A 36 18.61 5.67 -9.06
C LEU A 36 17.92 4.30 -8.98
N GLN A 37 18.15 3.37 -9.90
CA GLN A 37 17.60 2.02 -9.74
C GLN A 37 17.96 1.39 -8.37
N TYR A 38 19.17 1.67 -7.87
CA TYR A 38 19.62 1.11 -6.55
C TYR A 38 18.74 1.61 -5.40
N LEU A 39 18.52 2.92 -5.40
CA LEU A 39 17.70 3.60 -4.42
C LEU A 39 16.28 3.08 -4.38
N LEU A 40 15.76 2.76 -5.55
CA LEU A 40 14.40 2.24 -5.68
C LEU A 40 14.29 0.79 -5.23
N ARG A 41 15.11 -0.07 -5.84
CA ARG A 41 15.01 -1.51 -5.60
C ARG A 41 15.65 -1.97 -4.32
N VAL A 42 16.69 -1.31 -3.86
CA VAL A 42 17.39 -1.76 -2.63
C VAL A 42 17.05 -0.87 -1.45
N VAL A 43 17.37 0.42 -1.51
CA VAL A 43 17.37 1.27 -0.32
C VAL A 43 15.94 1.48 0.18
N LEU A 44 15.09 1.98 -0.70
CA LEU A 44 13.66 2.17 -0.44
C LEU A 44 12.91 0.90 -0.13
N LYS A 45 13.09 -0.13 -0.95
CA LYS A 45 12.49 -1.44 -0.65
C LYS A 45 12.82 -1.92 0.77
N THR A 46 14.07 -1.76 1.22
CA THR A 46 14.48 -2.26 2.55
C THR A 46 13.81 -1.47 3.66
N LEU A 47 13.93 -0.15 3.53
CA LEU A 47 13.31 0.80 4.43
C LEU A 47 11.81 0.74 4.47
N TRP A 48 11.20 0.38 3.35
CA TRP A 48 9.74 0.38 3.25
C TRP A 48 9.05 -0.74 4.05
N LYS A 49 9.62 -1.94 3.94
CA LYS A 49 9.11 -3.14 4.61
C LYS A 49 9.31 -3.10 6.11
N HIS A 50 10.43 -2.54 6.53
CA HIS A 50 10.79 -2.40 7.95
C HIS A 50 9.62 -1.93 8.85
N GLN A 51 9.61 -2.38 10.10
CA GLN A 51 8.44 -2.16 11.02
C GLN A 51 8.21 -0.72 11.43
N PHE A 52 9.26 0.07 11.38
CA PHE A 52 9.15 1.46 11.81
C PHE A 52 8.82 2.41 10.65
N ALA A 53 8.48 1.91 9.47
CA ALA A 53 8.27 2.79 8.35
C ALA A 53 6.95 3.51 8.31
N TRP A 54 5.91 2.96 8.92
CA TRP A 54 4.55 3.44 8.63
C TRP A 54 4.34 4.95 8.85
N PRO A 55 5.01 5.55 9.82
CA PRO A 55 4.80 7.00 9.98
C PRO A 55 5.46 7.86 8.86
N PHE A 56 6.41 7.26 8.15
CA PHE A 56 7.13 7.92 7.07
C PHE A 56 6.71 7.48 5.69
N GLN A 57 5.56 6.80 5.59
CA GLN A 57 5.11 6.26 4.28
C GLN A 57 4.14 7.18 3.63
N GLN A 58 3.78 8.25 4.31
CA GLN A 58 2.92 9.28 3.74
C GLN A 58 3.17 10.56 4.49
N PRO A 59 2.74 11.69 3.94
CA PRO A 59 2.95 12.94 4.69
C PRO A 59 2.29 12.94 6.02
N VAL A 60 2.74 13.92 6.78
CA VAL A 60 2.39 14.02 8.16
C VAL A 60 1.11 14.79 8.06
N ASP A 61 -0.01 14.15 8.36
CA ASP A 61 -1.30 14.82 8.19
C ASP A 61 -1.50 15.76 9.38
N ALA A 62 -1.10 17.01 9.17
CA ALA A 62 -1.16 18.05 10.21
C ALA A 62 -2.60 18.44 10.60
N VAL A 63 -3.53 18.19 9.68
CA VAL A 63 -4.98 18.32 9.91
C VAL A 63 -5.46 17.25 10.91
N LYS A 64 -5.38 15.98 10.50
CA LYS A 64 -5.81 14.92 11.40
C LYS A 64 -5.24 15.06 12.81
N LEU A 65 -3.97 15.38 12.93
CA LEU A 65 -3.29 15.37 14.23
C LEU A 65 -3.40 16.67 15.06
N ASN A 66 -3.96 17.74 14.46
CA ASN A 66 -4.24 19.01 15.15
C ASN A 66 -2.92 19.61 15.59
N LEU A 67 -2.17 19.92 14.54
CA LEU A 67 -0.79 20.34 14.58
C LEU A 67 -0.72 21.60 13.71
N PRO A 68 -1.20 22.74 14.26
CA PRO A 68 -1.28 23.90 13.36
C PRO A 68 0.15 24.34 12.84
N ASP A 69 1.11 24.43 13.78
CA ASP A 69 2.55 24.72 13.54
C ASP A 69 3.45 23.86 12.54
N TYR A 70 3.10 22.61 12.23
CA TYR A 70 3.98 21.72 11.46
C TYR A 70 4.44 22.35 10.14
N TYR A 71 3.56 22.95 9.37
CA TYR A 71 3.98 23.47 8.06
C TYR A 71 4.60 24.87 8.15
N LYS A 72 4.63 25.46 9.35
CA LYS A 72 5.38 26.71 9.61
C LYS A 72 6.84 26.37 9.99
N ILE A 73 6.97 25.34 10.84
CA ILE A 73 8.29 24.87 11.29
C ILE A 73 9.06 24.11 10.17
N ILE A 74 8.39 23.14 9.58
CA ILE A 74 8.91 22.31 8.53
C ILE A 74 8.54 22.91 7.18
N LYS A 75 9.55 23.44 6.52
CA LYS A 75 9.36 24.25 5.34
C LYS A 75 9.36 23.38 4.09
N THR A 76 9.99 22.20 4.15
CA THR A 76 10.02 21.20 3.06
C THR A 76 9.60 19.85 3.62
N PRO A 77 8.30 19.59 3.69
CA PRO A 77 7.96 18.23 4.18
C PRO A 77 8.52 17.14 3.25
N MET A 78 8.86 15.99 3.79
CA MET A 78 9.27 14.89 2.94
C MET A 78 8.98 13.56 3.59
N ASP A 79 8.75 12.57 2.76
CA ASP A 79 8.34 11.24 3.26
C ASP A 79 8.64 10.18 2.20
N MET A 80 8.85 8.94 2.64
CA MET A 80 9.16 7.87 1.66
C MET A 80 8.08 7.62 0.58
N GLY A 81 6.80 7.79 0.94
CA GLY A 81 5.74 7.86 -0.05
C GLY A 81 6.08 8.74 -1.25
N THR A 82 6.37 10.01 -0.97
CA THR A 82 6.70 11.00 -2.00
C THR A 82 8.02 10.64 -2.68
N ILE A 83 9.00 10.12 -1.94
CA ILE A 83 10.21 9.75 -2.62
C ILE A 83 9.94 8.63 -3.66
N LYS A 84 9.17 7.63 -3.26
CA LYS A 84 8.80 6.53 -4.14
C LYS A 84 8.12 7.02 -5.44
N LYS A 85 7.11 7.89 -5.29
CA LYS A 85 6.40 8.44 -6.47
C LYS A 85 7.40 9.28 -7.30
N ARG A 86 8.39 9.87 -6.64
CA ARG A 86 9.47 10.52 -7.34
C ARG A 86 10.43 9.62 -8.10
N LEU A 87 10.86 8.52 -7.50
CA LEU A 87 11.63 7.51 -8.21
C LEU A 87 10.88 6.77 -9.33
N GLU A 88 9.56 6.65 -9.23
CA GLU A 88 8.73 5.87 -10.15
C GLU A 88 8.18 6.63 -11.37
N ASN A 89 8.09 7.93 -11.17
CA ASN A 89 7.77 8.84 -12.21
C ASN A 89 9.05 9.55 -12.25
N ASN A 90 9.36 10.47 -13.13
CA ASN A 90 10.86 10.53 -13.37
C ASN A 90 11.46 11.77 -12.79
N TYR A 91 11.25 11.94 -11.50
CA TYR A 91 11.36 13.25 -10.91
C TYR A 91 12.78 13.65 -10.77
N TYR A 92 13.66 12.73 -10.34
CA TYR A 92 14.97 13.17 -9.90
C TYR A 92 15.89 13.40 -11.08
N TRP A 93 16.49 14.58 -11.09
CA TRP A 93 17.69 14.87 -11.88
C TRP A 93 18.85 13.88 -11.66
N ASN A 94 19.13 13.51 -10.41
CA ASN A 94 20.21 12.55 -10.11
C ASN A 94 19.99 11.84 -8.76
N ALA A 95 20.84 10.87 -8.45
CA ALA A 95 20.82 10.21 -7.15
C ALA A 95 21.00 11.12 -5.92
N GLN A 96 21.80 12.19 -6.01
CA GLN A 96 22.03 13.05 -4.83
C GLN A 96 20.78 13.83 -4.46
N GLU A 97 19.95 14.13 -5.42
CA GLU A 97 18.72 14.88 -5.11
C GLU A 97 17.69 13.97 -4.39
N CYS A 98 17.72 12.67 -4.72
CA CYS A 98 17.00 11.66 -3.93
C CYS A 98 17.52 11.49 -2.50
N ILE A 99 18.84 11.48 -2.36
CA ILE A 99 19.49 11.39 -1.04
C ILE A 99 19.23 12.62 -0.14
N GLN A 100 19.16 13.81 -0.71
CA GLN A 100 18.87 14.99 0.07
C GLN A 100 17.45 14.91 0.60
N ASP A 101 16.54 14.38 -0.21
CA ASP A 101 15.19 14.09 0.27
C ASP A 101 15.14 13.05 1.41
N PHE A 102 15.76 11.87 1.23
CA PHE A 102 15.90 10.98 2.40
C PHE A 102 16.41 11.72 3.66
N ASN A 103 17.50 12.50 3.57
CA ASN A 103 18.00 13.24 4.75
C ASN A 103 16.99 14.28 5.25
N THR A 104 16.29 14.94 4.33
CA THR A 104 15.29 15.90 4.79
C THR A 104 14.23 15.26 5.65
N MET A 105 13.89 14.01 5.32
CA MET A 105 12.77 13.35 5.97
C MET A 105 13.13 13.05 7.39
N PHE A 106 14.36 12.59 7.53
CA PHE A 106 14.90 12.32 8.84
C PHE A 106 15.04 13.62 9.64
N THR A 107 15.70 14.64 9.13
CA THR A 107 15.94 15.83 9.95
C THR A 107 14.66 16.58 10.25
N ASN A 108 13.69 16.51 9.33
CA ASN A 108 12.39 17.14 9.59
C ASN A 108 11.79 16.57 10.85
N CYS A 109 11.94 15.26 11.02
CA CYS A 109 11.48 14.56 12.17
C CYS A 109 12.17 14.94 13.44
N TYR A 110 13.51 15.03 13.35
CA TYR A 110 14.37 15.47 14.46
C TYR A 110 14.11 16.93 14.83
N ILE A 111 13.77 17.79 13.87
CA ILE A 111 13.40 19.17 14.22
C ILE A 111 12.02 19.29 14.94
N TYR A 112 10.97 18.81 14.27
CA TYR A 112 9.62 19.00 14.76
C TYR A 112 9.41 18.45 16.17
N ASN A 113 9.90 17.25 16.44
CA ASN A 113 9.58 16.43 17.64
C ASN A 113 10.76 16.51 18.60
N LYS A 114 10.53 16.18 19.87
CA LYS A 114 11.56 16.35 20.93
C LYS A 114 12.46 15.09 21.01
N PRO A 115 13.74 15.23 21.37
CA PRO A 115 14.61 14.02 21.43
C PRO A 115 14.22 13.12 22.56
N GLY A 116 14.10 11.84 22.29
CA GLY A 116 13.55 10.94 23.28
C GLY A 116 12.23 10.39 22.80
N ASP A 117 11.39 11.23 22.19
CA ASP A 117 10.12 10.80 21.60
C ASP A 117 10.26 9.49 20.78
N ASP A 118 9.17 8.70 20.80
CA ASP A 118 9.06 7.44 20.06
C ASP A 118 9.37 7.63 18.59
N ILE A 119 8.69 8.62 18.01
CA ILE A 119 8.88 8.92 16.60
C ILE A 119 10.32 9.21 16.20
N VAL A 120 11.09 9.78 17.12
CA VAL A 120 12.48 10.07 16.86
C VAL A 120 13.34 8.81 16.80
N LEU A 121 13.17 7.92 17.76
CA LEU A 121 13.86 6.61 17.80
C LEU A 121 13.57 5.77 16.55
N MET A 122 12.34 5.84 16.09
CA MET A 122 11.97 5.22 14.83
C MET A 122 12.81 5.81 13.68
N ALA A 123 12.84 7.12 13.56
CA ALA A 123 13.63 7.75 12.49
C ALA A 123 15.10 7.43 12.61
N GLU A 124 15.58 7.21 13.85
CA GLU A 124 16.99 6.95 14.07
C GLU A 124 17.37 5.56 13.60
N ALA A 125 16.50 4.59 13.90
CA ALA A 125 16.63 3.23 13.33
C ALA A 125 16.66 3.25 11.82
N LEU A 126 15.77 4.04 11.21
CA LEU A 126 15.71 4.14 9.75
C LEU A 126 16.94 4.82 9.17
N GLU A 127 17.46 5.83 9.87
CA GLU A 127 18.68 6.51 9.44
C GLU A 127 19.85 5.54 9.41
N LYS A 128 20.04 4.79 10.50
CA LYS A 128 21.16 3.84 10.63
C LYS A 128 21.18 2.90 9.41
N LEU A 129 20.01 2.32 9.14
CA LEU A 129 19.77 1.41 8.04
C LEU A 129 19.93 2.01 6.64
N PHE A 130 19.36 3.19 6.47
CA PHE A 130 19.53 3.97 5.27
C PHE A 130 21.01 4.16 4.98
N LEU A 131 21.78 4.52 6.00
CA LEU A 131 23.23 4.78 5.82
C LEU A 131 24.05 3.52 5.47
N GLN A 132 23.79 2.45 6.20
CA GLN A 132 24.31 1.12 5.88
C GLN A 132 24.12 0.78 4.41
N LYS A 133 22.92 0.96 3.90
CA LYS A 133 22.62 0.65 2.50
C LYS A 133 23.28 1.62 1.47
N ILE A 134 23.43 2.88 1.83
CA ILE A 134 24.09 3.88 0.98
C ILE A 134 25.60 3.62 0.84
N ASN A 135 26.23 2.95 1.82
CA ASN A 135 27.64 2.56 1.72
C ASN A 135 27.89 1.50 0.64
N GLU A 136 26.82 0.84 0.15
CA GLU A 136 26.90 -0.13 -0.96
C GLU A 136 26.52 0.48 -2.32
N LEU A 137 26.35 1.79 -2.38
CA LEU A 137 25.93 2.48 -3.61
C LEU A 137 26.87 2.14 -4.80
N PRO A 138 26.33 1.60 -5.92
CA PRO A 138 27.05 1.40 -7.21
C PRO A 138 27.93 2.52 -7.81
N THR A 139 28.84 2.11 -8.68
CA THR A 139 29.84 2.99 -9.27
C THR A 139 29.62 3.10 -10.80
N ASN B 34 -34.19 10.79 12.13
CA ASN B 34 -33.42 9.53 11.92
C ASN B 34 -32.20 9.56 12.83
N GLN B 35 -31.92 8.37 13.28
CA GLN B 35 -30.85 8.19 14.19
C GLN B 35 -29.57 7.97 13.37
N LEU B 36 -29.72 7.35 12.21
CA LEU B 36 -28.62 7.17 11.28
C LEU B 36 -27.97 8.53 10.89
N GLN B 37 -28.78 9.57 10.74
CA GLN B 37 -28.27 10.90 10.49
C GLN B 37 -27.45 11.39 11.67
N TYR B 38 -27.96 11.18 12.87
CA TYR B 38 -27.23 11.59 14.07
C TYR B 38 -25.87 10.91 14.15
N LEU B 39 -25.83 9.61 13.85
CA LEU B 39 -24.58 8.85 13.89
C LEU B 39 -23.58 9.33 12.91
N LEU B 40 -24.02 9.60 11.70
CA LEU B 40 -23.15 10.20 10.69
C LEU B 40 -22.73 11.66 11.03
N ARG B 41 -23.70 12.52 11.30
CA ARG B 41 -23.43 13.95 11.48
C ARG B 41 -22.89 14.43 12.82
N VAL B 42 -23.20 13.74 13.91
CA VAL B 42 -22.68 14.09 15.22
C VAL B 42 -21.68 13.07 15.74
N VAL B 43 -22.10 11.82 15.89
CA VAL B 43 -21.24 10.82 16.56
C VAL B 43 -19.94 10.57 15.79
N LEU B 44 -20.05 10.01 14.60
CA LEU B 44 -18.87 9.82 13.74
C LEU B 44 -17.97 11.08 13.57
N LYS B 45 -18.56 12.23 13.24
CA LYS B 45 -17.79 13.47 13.06
C LYS B 45 -17.03 13.84 14.34
N THR B 46 -17.64 13.70 15.52
CA THR B 46 -16.95 14.03 16.77
C THR B 46 -15.74 13.13 16.90
N LEU B 47 -15.99 11.83 16.83
CA LEU B 47 -14.92 10.83 16.94
C LEU B 47 -13.76 10.99 15.95
N TRP B 48 -14.10 11.25 14.70
CA TRP B 48 -13.13 11.38 13.63
C TRP B 48 -12.18 12.60 13.76
N LYS B 49 -12.65 13.66 14.41
CA LYS B 49 -11.82 14.87 14.60
C LYS B 49 -10.95 14.84 15.85
N HIS B 50 -11.18 13.86 16.71
CA HIS B 50 -10.45 13.76 17.96
C HIS B 50 -9.04 13.36 17.61
N GLN B 51 -8.08 13.73 18.46
CA GLN B 51 -6.63 13.59 18.11
C GLN B 51 -6.19 12.14 18.08
N PHE B 52 -6.89 11.35 18.88
CA PHE B 52 -6.73 9.90 19.02
C PHE B 52 -7.42 9.05 17.96
N ALA B 53 -8.04 9.64 16.93
CA ALA B 53 -8.76 8.89 15.90
C ALA B 53 -7.90 8.18 14.87
N TRP B 54 -6.79 8.79 14.46
CA TRP B 54 -6.02 8.25 13.29
C TRP B 54 -5.78 6.69 13.26
N PRO B 55 -5.59 6.01 14.42
CA PRO B 55 -5.36 4.54 14.34
C PRO B 55 -6.61 3.70 13.94
N PHE B 56 -7.78 4.30 14.13
CA PHE B 56 -9.03 3.66 13.82
C PHE B 56 -9.74 4.23 12.59
N GLN B 57 -9.15 5.20 11.88
CA GLN B 57 -9.74 5.75 10.64
C GLN B 57 -9.60 4.82 9.41
N GLN B 58 -8.93 3.69 9.58
CA GLN B 58 -8.83 2.71 8.48
C GLN B 58 -8.45 1.38 9.09
N PRO B 59 -8.55 0.31 8.30
CA PRO B 59 -8.13 -0.96 8.87
C PRO B 59 -6.68 -0.95 9.36
N VAL B 60 -6.45 -1.79 10.34
CA VAL B 60 -5.16 -2.08 10.86
C VAL B 60 -4.46 -2.83 9.75
N ASP B 61 -3.34 -2.29 9.27
CA ASP B 61 -2.55 -2.95 8.25
C ASP B 61 -1.60 -3.92 8.94
N ALA B 62 -2.06 -5.16 9.07
CA ALA B 62 -1.29 -6.25 9.65
C ALA B 62 0.01 -6.57 8.87
N VAL B 63 -0.01 -6.24 7.59
CA VAL B 63 1.13 -6.50 6.77
C VAL B 63 2.24 -5.49 7.05
N LYS B 64 1.95 -4.21 6.90
CA LYS B 64 2.95 -3.18 7.28
C LYS B 64 3.61 -3.47 8.64
N LEU B 65 2.81 -3.84 9.63
CA LEU B 65 3.31 -3.91 11.01
C LEU B 65 3.93 -5.27 11.46
N ASN B 66 4.02 -6.25 10.55
CA ASN B 66 4.47 -7.65 10.86
C ASN B 66 3.59 -8.31 11.91
N LEU B 67 2.28 -8.29 11.68
CA LEU B 67 1.34 -8.95 12.58
C LEU B 67 0.61 -10.06 11.81
N PRO B 68 1.23 -11.24 11.65
CA PRO B 68 0.44 -12.25 10.90
C PRO B 68 -0.69 -12.84 11.78
N ASP B 69 -0.46 -12.95 13.08
CA ASP B 69 -1.50 -13.28 14.08
C ASP B 69 -2.80 -12.40 14.11
N TYR B 70 -2.75 -11.14 13.68
CA TYR B 70 -3.87 -10.21 13.84
C TYR B 70 -5.20 -10.75 13.23
N TYR B 71 -5.23 -10.95 11.93
CA TYR B 71 -6.46 -11.38 11.27
C TYR B 71 -6.92 -12.78 11.67
N LYS B 72 -6.01 -13.56 12.24
CA LYS B 72 -6.32 -14.87 12.84
C LYS B 72 -6.99 -14.69 14.18
N ILE B 73 -6.46 -13.81 15.00
CA ILE B 73 -7.10 -13.47 16.28
C ILE B 73 -8.37 -12.59 16.11
N ILE B 74 -8.46 -11.72 15.11
CA ILE B 74 -9.67 -10.87 14.94
C ILE B 74 -10.46 -11.29 13.72
N LYS B 75 -11.65 -11.82 13.96
CA LYS B 75 -12.39 -12.41 12.86
C LYS B 75 -13.35 -11.47 12.22
N THR B 76 -13.78 -10.45 12.97
CA THR B 76 -14.53 -9.29 12.44
C THR B 76 -13.76 -7.99 12.67
N PRO B 77 -12.86 -7.67 11.74
CA PRO B 77 -12.14 -6.38 11.92
C PRO B 77 -13.09 -5.21 11.64
N MET B 78 -12.79 -4.03 12.14
CA MET B 78 -13.71 -2.91 12.01
C MET B 78 -13.03 -1.61 12.38
N ASP B 79 -13.48 -0.55 11.72
CA ASP B 79 -12.86 0.79 11.78
C ASP B 79 -13.87 1.89 11.47
N MET B 80 -13.54 3.11 11.82
CA MET B 80 -14.35 4.25 11.38
C MET B 80 -14.27 4.45 9.86
N GLY B 81 -13.18 3.98 9.21
CA GLY B 81 -13.13 3.91 7.74
C GLY B 81 -14.36 3.25 7.15
N THR B 82 -14.50 2.00 7.51
CA THR B 82 -15.63 1.14 7.17
C THR B 82 -16.97 1.67 7.67
N ILE B 83 -17.05 2.04 8.94
CA ILE B 83 -18.34 2.56 9.44
C ILE B 83 -18.78 3.76 8.61
N LYS B 84 -17.84 4.70 8.33
CA LYS B 84 -18.15 5.88 7.50
C LYS B 84 -18.75 5.48 6.15
N LYS B 85 -18.04 4.65 5.42
CA LYS B 85 -18.51 4.27 4.08
C LYS B 85 -19.90 3.50 4.10
N ARG B 86 -20.14 2.74 5.16
CA ARG B 86 -21.43 2.08 5.37
C ARG B 86 -22.57 3.05 5.63
N LEU B 87 -22.30 4.06 6.43
CA LEU B 87 -23.25 5.15 6.61
C LEU B 87 -23.52 5.93 5.35
N GLU B 88 -22.47 6.22 4.57
CA GLU B 88 -22.57 6.95 3.26
C GLU B 88 -23.17 6.14 2.12
N ASN B 89 -23.16 4.81 2.27
CA ASN B 89 -23.67 3.96 1.20
C ASN B 89 -24.81 3.07 1.56
N ASN B 90 -25.66 3.54 2.51
CA ASN B 90 -26.94 2.93 2.93
C ASN B 90 -26.86 1.45 3.29
N TYR B 91 -25.77 1.06 3.94
CA TYR B 91 -25.54 -0.36 4.23
C TYR B 91 -26.41 -0.86 5.35
N TYR B 92 -26.50 -0.10 6.44
CA TYR B 92 -27.16 -0.60 7.63
C TYR B 92 -28.68 -0.80 7.53
N TRP B 93 -29.17 -1.81 8.24
CA TRP B 93 -30.58 -2.11 8.42
C TRP B 93 -31.23 -1.05 9.25
N ASN B 94 -30.52 -0.63 10.31
CA ASN B 94 -30.93 0.53 11.14
C ASN B 94 -29.76 1.05 12.02
N ALA B 95 -30.00 2.07 12.83
CA ALA B 95 -28.91 2.65 13.67
C ALA B 95 -28.20 1.66 14.57
N GLN B 96 -28.93 0.71 15.10
CA GLN B 96 -28.37 -0.21 16.09
C GLN B 96 -27.31 -1.17 15.52
N GLU B 97 -27.34 -1.39 14.22
CA GLU B 97 -26.30 -2.20 13.58
C GLU B 97 -24.96 -1.43 13.47
N CYS B 98 -25.05 -0.12 13.28
CA CYS B 98 -23.91 0.77 13.28
C CYS B 98 -23.33 0.89 14.68
N ILE B 99 -24.17 1.10 15.68
CA ILE B 99 -23.71 0.99 17.06
C ILE B 99 -22.94 -0.31 17.32
N GLN B 100 -23.50 -1.46 16.94
CA GLN B 100 -22.77 -2.75 17.11
C GLN B 100 -21.37 -2.68 16.49
N ASP B 101 -21.24 -2.07 15.30
CA ASP B 101 -19.93 -1.91 14.65
C ASP B 101 -18.91 -1.07 15.47
N PHE B 102 -19.30 0.13 15.90
CA PHE B 102 -18.51 0.85 16.88
C PHE B 102 -18.06 0.00 18.09
N ASN B 103 -18.94 -0.78 18.72
CA ASN B 103 -18.53 -1.66 19.88
C ASN B 103 -17.48 -2.70 19.50
N THR B 104 -17.71 -3.35 18.37
CA THR B 104 -16.76 -4.29 17.78
C THR B 104 -15.39 -3.61 17.59
N MET B 105 -15.36 -2.45 16.96
CA MET B 105 -14.06 -1.76 16.74
C MET B 105 -13.27 -1.59 18.03
N PHE B 106 -13.93 -1.08 19.07
CA PHE B 106 -13.29 -0.93 20.39
C PHE B 106 -12.90 -2.28 20.96
N THR B 107 -13.84 -3.21 21.09
CA THR B 107 -13.49 -4.47 21.72
C THR B 107 -12.40 -5.23 20.92
N ASN B 108 -12.33 -5.10 19.60
CA ASN B 108 -11.22 -5.70 18.81
C ASN B 108 -9.90 -5.24 19.38
N CYS B 109 -9.80 -3.93 19.59
CA CYS B 109 -8.63 -3.30 20.15
C CYS B 109 -8.24 -3.83 21.53
N TYR B 110 -9.23 -3.91 22.43
CA TYR B 110 -9.04 -4.58 23.74
C TYR B 110 -8.69 -6.11 23.69
N ILE B 111 -9.14 -6.83 22.67
CA ILE B 111 -8.85 -8.25 22.54
C ILE B 111 -7.38 -8.42 22.19
N TYR B 112 -6.95 -7.85 21.05
CA TYR B 112 -5.57 -7.98 20.53
C TYR B 112 -4.47 -7.37 21.39
N ASN B 113 -4.72 -6.24 22.03
CA ASN B 113 -3.66 -5.44 22.66
C ASN B 113 -3.61 -5.61 24.17
N LYS B 114 -2.40 -5.50 24.74
CA LYS B 114 -2.21 -5.75 26.17
C LYS B 114 -2.90 -4.58 26.87
N PRO B 115 -3.59 -4.85 27.99
CA PRO B 115 -4.26 -3.75 28.73
C PRO B 115 -3.31 -2.65 29.13
N GLY B 116 -3.75 -1.40 29.01
CA GLY B 116 -2.94 -0.26 29.42
C GLY B 116 -1.83 0.20 28.49
N ASP B 117 -1.66 -0.44 27.31
CA ASP B 117 -0.84 0.06 26.19
C ASP B 117 -1.32 1.41 25.74
N ASP B 118 -0.45 2.11 25.01
CA ASP B 118 -0.82 3.39 24.39
C ASP B 118 -2.18 3.20 23.73
N ILE B 119 -2.20 2.34 22.70
CA ILE B 119 -3.38 2.13 21.82
C ILE B 119 -4.68 1.84 22.58
N VAL B 120 -4.66 0.96 23.57
CA VAL B 120 -5.84 0.74 24.41
C VAL B 120 -6.40 2.00 25.10
N LEU B 121 -5.54 2.83 25.70
CA LEU B 121 -5.98 4.10 26.34
C LEU B 121 -6.64 5.03 25.33
N MET B 122 -6.12 5.01 24.12
CA MET B 122 -6.70 5.79 23.02
C MET B 122 -8.13 5.35 22.70
N ALA B 123 -8.33 4.04 22.48
CA ALA B 123 -9.66 3.43 22.36
C ALA B 123 -10.60 3.86 23.51
N GLU B 124 -10.12 3.79 24.75
CA GLU B 124 -10.97 4.14 25.90
C GLU B 124 -11.42 5.61 25.89
N ALA B 125 -10.50 6.50 25.52
CA ALA B 125 -10.84 7.92 25.42
C ALA B 125 -11.95 8.12 24.41
N LEU B 126 -11.81 7.49 23.25
CA LEU B 126 -12.86 7.50 22.20
C LEU B 126 -14.16 6.79 22.59
N GLU B 127 -14.06 5.67 23.31
CA GLU B 127 -15.22 4.95 23.78
C GLU B 127 -16.00 5.76 24.83
N LYS B 128 -15.28 6.41 25.71
CA LYS B 128 -15.96 7.28 26.67
C LYS B 128 -16.68 8.39 25.90
N LEU B 129 -16.01 8.98 24.92
CA LEU B 129 -16.64 10.03 24.13
C LEU B 129 -17.83 9.51 23.31
N PHE B 130 -17.72 8.27 22.85
CA PHE B 130 -18.78 7.64 22.09
C PHE B 130 -20.03 7.43 22.96
N LEU B 131 -19.85 6.88 24.17
CA LEU B 131 -21.00 6.64 25.06
C LEU B 131 -21.72 7.94 25.47
N GLN B 132 -20.98 9.03 25.64
CA GLN B 132 -21.59 10.33 25.95
C GLN B 132 -22.46 10.74 24.82
N LYS B 133 -21.91 10.70 23.61
CA LYS B 133 -22.63 11.18 22.44
C LYS B 133 -23.87 10.32 22.11
N ILE B 134 -23.76 9.00 22.33
CA ILE B 134 -24.86 8.07 22.08
C ILE B 134 -26.09 8.25 22.97
N ASN B 135 -25.93 8.81 24.18
CA ASN B 135 -27.08 9.07 25.09
C ASN B 135 -28.08 10.11 24.57
N GLU B 136 -27.60 11.11 23.84
CA GLU B 136 -28.47 12.15 23.21
C GLU B 136 -29.17 11.70 21.92
N LEU B 137 -28.93 10.46 21.49
CA LEU B 137 -29.58 9.88 20.33
C LEU B 137 -31.09 10.13 20.40
N PRO B 138 -31.71 10.70 19.33
CA PRO B 138 -33.18 10.87 19.33
C PRO B 138 -33.90 9.53 19.25
N THR B 139 -35.24 9.57 19.23
CA THR B 139 -36.08 8.36 19.05
C THR B 139 -36.92 8.58 17.75
N GLU B 140 -37.10 7.52 16.92
CA GLU B 140 -37.38 7.66 15.44
C GLU B 140 -36.74 8.91 14.77
N ARG C 31 18.83 2.32 -35.23
CA ARG C 31 20.25 2.12 -34.85
C ARG C 31 20.35 2.09 -33.30
N GLN C 32 19.97 3.19 -32.62
CA GLN C 32 20.19 3.39 -31.16
C GLN C 32 18.93 3.18 -30.26
N THR C 33 18.28 2.02 -30.32
CA THR C 33 16.99 1.82 -29.66
C THR C 33 17.15 1.03 -28.35
N ASN C 34 16.47 1.51 -27.31
CA ASN C 34 16.43 0.87 -26.00
C ASN C 34 15.45 -0.31 -25.95
N GLN C 35 15.82 -1.36 -25.22
CA GLN C 35 15.07 -2.59 -25.23
C GLN C 35 13.78 -2.49 -24.42
N LEU C 36 13.91 -1.86 -23.26
CA LEU C 36 12.78 -1.68 -22.39
C LEU C 36 11.73 -0.77 -23.01
N GLN C 37 12.15 0.34 -23.62
CA GLN C 37 11.25 1.20 -24.41
C GLN C 37 10.44 0.35 -25.36
N TYR C 38 11.15 -0.55 -26.07
CA TYR C 38 10.57 -1.35 -27.14
C TYR C 38 9.60 -2.35 -26.53
N LEU C 39 10.01 -2.96 -25.42
CA LEU C 39 9.08 -3.84 -24.68
C LEU C 39 7.77 -3.17 -24.30
N LEU C 40 7.86 -1.88 -23.96
CA LEU C 40 6.69 -1.06 -23.65
C LEU C 40 5.87 -0.63 -24.88
N ARG C 41 6.50 0.14 -25.75
CA ARG C 41 5.78 0.77 -26.86
C ARG C 41 5.34 -0.19 -27.96
N VAL C 42 6.00 -1.34 -28.06
CA VAL C 42 5.75 -2.30 -29.12
C VAL C 42 5.21 -3.62 -28.56
N VAL C 43 5.90 -4.24 -27.60
CA VAL C 43 5.55 -5.64 -27.27
C VAL C 43 4.34 -5.64 -26.39
N LEU C 44 4.40 -4.86 -25.32
CA LEU C 44 3.30 -4.83 -24.38
C LEU C 44 2.05 -4.31 -25.10
N LYS C 45 2.22 -3.21 -25.85
CA LYS C 45 1.14 -2.56 -26.61
C LYS C 45 0.43 -3.53 -27.58
N THR C 46 1.19 -4.32 -28.36
CA THR C 46 0.61 -5.28 -29.29
C THR C 46 -0.26 -6.27 -28.48
N LEU C 47 0.39 -6.91 -27.50
CA LEU C 47 -0.26 -7.93 -26.69
C LEU C 47 -1.51 -7.45 -25.97
N TRP C 48 -1.45 -6.21 -25.46
CA TRP C 48 -2.53 -5.59 -24.71
C TRP C 48 -3.82 -5.40 -25.51
N LYS C 49 -3.70 -5.05 -26.79
CA LYS C 49 -4.85 -4.79 -27.69
C LYS C 49 -5.58 -6.06 -28.16
N HIS C 50 -4.82 -7.13 -28.36
CA HIS C 50 -5.29 -8.45 -28.85
C HIS C 50 -6.58 -8.96 -28.16
N GLN C 51 -7.40 -9.69 -28.90
CA GLN C 51 -8.75 -10.09 -28.48
C GLN C 51 -8.75 -10.89 -27.19
N PHE C 52 -7.75 -11.76 -27.07
CA PHE C 52 -7.58 -12.68 -25.93
C PHE C 52 -6.82 -12.09 -24.74
N ALA C 53 -6.67 -10.78 -24.65
CA ALA C 53 -5.77 -10.18 -23.63
C ALA C 53 -6.40 -10.00 -22.23
N TRP C 54 -7.72 -9.88 -22.14
CA TRP C 54 -8.38 -9.45 -20.89
C TRP C 54 -8.19 -10.35 -19.63
N PRO C 55 -8.11 -11.68 -19.79
CA PRO C 55 -7.88 -12.47 -18.58
C PRO C 55 -6.61 -12.07 -17.85
N PHE C 56 -5.64 -11.64 -18.64
CA PHE C 56 -4.28 -11.37 -18.19
C PHE C 56 -3.98 -9.91 -17.92
N GLN C 57 -4.97 -9.01 -18.00
CA GLN C 57 -4.72 -7.55 -17.85
C GLN C 57 -4.67 -7.08 -16.41
N GLN C 58 -5.09 -7.95 -15.50
CA GLN C 58 -5.01 -7.74 -14.06
C GLN C 58 -4.69 -9.11 -13.46
N PRO C 59 -4.39 -9.13 -12.15
CA PRO C 59 -4.14 -10.43 -11.50
C PRO C 59 -5.34 -11.34 -11.52
N VAL C 60 -5.09 -12.64 -11.37
CA VAL C 60 -6.14 -13.62 -11.24
C VAL C 60 -6.81 -13.41 -9.89
N ASP C 61 -8.12 -13.16 -9.92
CA ASP C 61 -8.89 -12.86 -8.71
C ASP C 61 -9.44 -14.14 -8.06
N ALA C 62 -8.72 -14.61 -7.04
CA ALA C 62 -9.02 -15.87 -6.36
C ALA C 62 -10.36 -15.81 -5.67
N VAL C 63 -10.58 -14.71 -4.97
CA VAL C 63 -11.82 -14.48 -4.21
C VAL C 63 -13.09 -14.52 -5.12
N LYS C 64 -13.21 -13.60 -6.07
CA LYS C 64 -14.31 -13.58 -7.09
C LYS C 64 -14.71 -14.89 -7.77
N LEU C 65 -13.74 -15.79 -7.94
CA LEU C 65 -13.98 -17.07 -8.61
C LEU C 65 -14.14 -18.24 -7.64
N ASN C 66 -13.99 -17.96 -6.34
CA ASN C 66 -13.84 -18.99 -5.29
C ASN C 66 -12.84 -20.04 -5.75
N LEU C 67 -11.58 -19.62 -5.87
CA LEU C 67 -10.45 -20.50 -6.15
C LEU C 67 -9.40 -20.26 -5.09
N PRO C 68 -9.67 -20.76 -3.87
CA PRO C 68 -8.77 -20.49 -2.75
C PRO C 68 -7.44 -21.24 -2.88
N ASP C 69 -7.37 -22.22 -3.76
CA ASP C 69 -6.11 -22.91 -4.11
C ASP C 69 -5.13 -22.21 -5.08
N TYR C 70 -5.56 -21.15 -5.80
CA TYR C 70 -4.70 -20.51 -6.82
C TYR C 70 -3.38 -19.99 -6.24
N TYR C 71 -3.46 -19.22 -5.17
CA TYR C 71 -2.25 -18.59 -4.62
C TYR C 71 -1.33 -19.55 -3.86
N LYS C 72 -1.82 -20.76 -3.56
CA LYS C 72 -1.00 -21.86 -3.01
C LYS C 72 -0.19 -22.49 -4.13
N ILE C 73 -0.89 -22.96 -5.16
CA ILE C 73 -0.29 -23.68 -6.30
C ILE C 73 0.63 -22.77 -7.11
N ILE C 74 0.21 -21.54 -7.36
CA ILE C 74 1.03 -20.57 -8.08
C ILE C 74 1.73 -19.68 -7.07
N LYS C 75 3.01 -19.95 -6.91
CA LYS C 75 3.80 -19.24 -5.93
C LYS C 75 4.08 -17.79 -6.33
N THR C 76 4.72 -17.56 -7.48
CA THR C 76 4.85 -16.19 -8.08
C THR C 76 3.75 -15.87 -9.12
N PRO C 77 2.65 -15.19 -8.70
CA PRO C 77 1.70 -14.78 -9.75
C PRO C 77 2.23 -13.57 -10.56
N MET C 78 1.65 -13.37 -11.75
CA MET C 78 2.05 -12.32 -12.67
C MET C 78 0.98 -12.07 -13.74
N ASP C 79 0.93 -10.85 -14.25
CA ASP C 79 -0.11 -10.40 -15.18
C ASP C 79 0.34 -9.15 -15.94
N MET C 80 -0.18 -8.94 -17.13
CA MET C 80 0.27 -7.83 -17.94
C MET C 80 0.06 -6.50 -17.27
N GLY C 81 -0.98 -6.37 -16.45
CA GLY C 81 -1.18 -5.18 -15.62
C GLY C 81 -0.01 -4.81 -14.71
N THR C 82 0.62 -5.80 -14.08
CA THR C 82 1.79 -5.59 -13.21
C THR C 82 3.03 -5.26 -14.06
N ILE C 83 3.26 -6.08 -15.09
CA ILE C 83 4.33 -5.84 -16.04
C ILE C 83 4.26 -4.41 -16.61
N LYS C 84 3.06 -3.92 -16.86
CA LYS C 84 2.86 -2.54 -17.29
C LYS C 84 3.28 -1.52 -16.23
N LYS C 85 2.82 -1.63 -14.99
CA LYS C 85 3.30 -0.72 -13.92
C LYS C 85 4.82 -0.75 -13.75
N ARG C 86 5.42 -1.90 -13.97
CA ARG C 86 6.86 -2.04 -13.85
C ARG C 86 7.63 -1.36 -14.94
N LEU C 87 7.11 -1.39 -16.15
CA LEU C 87 7.73 -0.63 -17.22
C LEU C 87 7.50 0.86 -17.05
N GLU C 88 6.31 1.22 -16.60
CA GLU C 88 5.96 2.63 -16.35
C GLU C 88 6.64 3.30 -15.16
N ASN C 89 7.30 2.53 -14.29
CA ASN C 89 7.80 3.08 -13.05
C ASN C 89 9.19 2.54 -12.65
N ASN C 90 10.00 2.22 -13.66
CA ASN C 90 11.42 2.01 -13.46
C ASN C 90 11.73 0.87 -12.53
N TYR C 91 10.87 -0.11 -12.50
CA TYR C 91 11.17 -1.27 -11.67
C TYR C 91 12.31 -2.12 -12.27
N TYR C 92 12.17 -2.56 -13.50
CA TYR C 92 13.10 -3.57 -14.04
C TYR C 92 14.55 -3.09 -14.18
N TRP C 93 15.46 -3.99 -13.84
CA TRP C 93 16.91 -3.81 -13.94
C TRP C 93 17.37 -3.83 -15.39
N ASN C 94 16.82 -4.76 -16.19
CA ASN C 94 17.12 -4.93 -17.65
C ASN C 94 15.92 -5.61 -18.35
N ALA C 95 16.02 -5.74 -19.67
CA ALA C 95 14.98 -6.46 -20.44
C ALA C 95 14.76 -7.91 -20.01
N GLN C 96 15.83 -8.60 -19.59
CA GLN C 96 15.75 -10.06 -19.27
C GLN C 96 14.68 -10.26 -18.24
N GLU C 97 14.69 -9.38 -17.24
CA GLU C 97 13.80 -9.47 -16.08
C GLU C 97 12.32 -9.27 -16.42
N CYS C 98 12.07 -8.36 -17.34
CA CYS C 98 10.73 -8.11 -17.86
C CYS C 98 10.26 -9.31 -18.68
N ILE C 99 11.11 -9.76 -19.60
CA ILE C 99 10.85 -11.01 -20.32
C ILE C 99 10.48 -12.22 -19.43
N GLN C 100 11.15 -12.38 -18.29
CA GLN C 100 10.93 -13.51 -17.41
C GLN C 100 9.57 -13.46 -16.74
N ASP C 101 9.09 -12.25 -16.48
CA ASP C 101 7.77 -12.07 -15.94
C ASP C 101 6.74 -12.45 -17.02
N PHE C 102 6.98 -12.07 -18.27
CA PHE C 102 6.18 -12.63 -19.38
C PHE C 102 6.13 -14.16 -19.36
N ASN C 103 7.30 -14.81 -19.43
CA ASN C 103 7.39 -16.29 -19.30
C ASN C 103 6.66 -16.84 -18.09
N THR C 104 6.83 -16.17 -16.96
CA THR C 104 6.22 -16.63 -15.73
C THR C 104 4.69 -16.58 -15.83
N MET C 105 4.15 -15.48 -16.33
CA MET C 105 2.70 -15.35 -16.51
C MET C 105 2.12 -16.52 -17.32
N PHE C 106 2.74 -16.81 -18.47
CA PHE C 106 2.30 -17.92 -19.31
C PHE C 106 2.43 -19.26 -18.61
N THR C 107 3.64 -19.57 -18.13
CA THR C 107 3.87 -20.83 -17.44
C THR C 107 2.95 -20.97 -16.21
N ASN C 108 2.72 -19.90 -15.43
CA ASN C 108 1.71 -19.97 -14.34
C ASN C 108 0.38 -20.45 -14.89
N CYS C 109 -0.10 -19.78 -15.92
CA CYS C 109 -1.38 -20.13 -16.47
C CYS C 109 -1.44 -21.59 -16.94
N TYR C 110 -0.37 -22.08 -17.58
CA TYR C 110 -0.29 -23.48 -18.07
C TYR C 110 -0.27 -24.55 -16.96
N ILE C 111 0.30 -24.20 -15.81
CA ILE C 111 0.33 -25.06 -14.62
C ILE C 111 -1.08 -25.20 -14.07
N TYR C 112 -1.63 -24.08 -13.61
CA TYR C 112 -2.88 -24.10 -12.89
C TYR C 112 -4.03 -24.72 -13.70
N ASN C 113 -4.14 -24.39 -14.99
CA ASN C 113 -5.25 -24.90 -15.82
C ASN C 113 -4.73 -26.01 -16.71
N LYS C 114 -5.61 -26.96 -17.02
CA LYS C 114 -5.20 -28.18 -17.71
C LYS C 114 -5.42 -28.03 -19.21
N PRO C 115 -4.45 -28.52 -20.03
CA PRO C 115 -4.51 -28.36 -21.49
C PRO C 115 -5.91 -28.59 -22.09
N GLY C 116 -6.20 -27.88 -23.17
CA GLY C 116 -7.49 -27.98 -23.83
C GLY C 116 -8.46 -26.91 -23.38
N ASP C 117 -8.33 -26.37 -22.16
CA ASP C 117 -9.20 -25.27 -21.68
C ASP C 117 -8.99 -24.01 -22.54
N ASP C 118 -10.03 -23.18 -22.62
CA ASP C 118 -9.99 -21.96 -23.42
C ASP C 118 -8.91 -21.02 -22.93
N ILE C 119 -8.91 -20.80 -21.62
CA ILE C 119 -7.83 -20.06 -20.98
C ILE C 119 -6.41 -20.45 -21.46
N VAL C 120 -6.11 -21.74 -21.63
CA VAL C 120 -4.78 -22.18 -22.12
C VAL C 120 -4.56 -21.88 -23.61
N LEU C 121 -5.58 -22.13 -24.42
CA LEU C 121 -5.48 -21.81 -25.85
C LEU C 121 -5.17 -20.30 -26.04
N MET C 122 -5.89 -19.47 -25.30
CA MET C 122 -5.67 -18.02 -25.32
C MET C 122 -4.23 -17.68 -24.95
N ALA C 123 -3.74 -18.27 -23.86
CA ALA C 123 -2.34 -18.06 -23.44
C ALA C 123 -1.38 -18.53 -24.51
N GLU C 124 -1.71 -19.64 -25.17
CA GLU C 124 -0.87 -20.13 -26.27
C GLU C 124 -0.80 -19.17 -27.47
N ALA C 125 -1.91 -18.49 -27.79
CA ALA C 125 -1.92 -17.51 -28.89
C ALA C 125 -1.00 -16.31 -28.60
N LEU C 126 -1.16 -15.74 -27.40
CA LEU C 126 -0.34 -14.63 -26.94
C LEU C 126 1.13 -15.05 -26.75
N GLU C 127 1.38 -16.30 -26.36
CA GLU C 127 2.77 -16.75 -26.26
C GLU C 127 3.42 -16.77 -27.64
N LYS C 128 2.70 -17.21 -28.68
CA LYS C 128 3.26 -17.25 -30.04
C LYS C 128 3.66 -15.84 -30.49
N LEU C 129 2.69 -14.95 -30.41
CA LEU C 129 2.81 -13.55 -30.82
C LEU C 129 3.94 -12.84 -30.09
N PHE C 130 3.95 -13.01 -28.78
CA PHE C 130 5.08 -12.59 -27.95
C PHE C 130 6.43 -13.03 -28.53
N LEU C 131 6.53 -14.30 -28.90
CA LEU C 131 7.77 -14.85 -29.44
C LEU C 131 8.15 -14.25 -30.80
N GLN C 132 7.17 -13.85 -31.62
CA GLN C 132 7.49 -13.13 -32.87
C GLN C 132 8.10 -11.77 -32.56
N LYS C 133 7.36 -10.97 -31.78
CA LYS C 133 7.73 -9.59 -31.41
C LYS C 133 9.05 -9.53 -30.62
N ILE C 134 9.34 -10.58 -29.84
CA ILE C 134 10.63 -10.71 -29.14
C ILE C 134 11.80 -10.93 -30.10
N ASN C 135 11.56 -11.62 -31.22
CA ASN C 135 12.58 -11.85 -32.27
C ASN C 135 12.98 -10.62 -33.04
N GLU C 136 12.12 -9.59 -33.07
CA GLU C 136 12.45 -8.30 -33.70
C GLU C 136 13.20 -7.31 -32.73
N LEU C 137 13.54 -7.73 -31.50
CA LEU C 137 14.06 -6.83 -30.42
C LEU C 137 15.39 -6.16 -30.81
N PRO C 138 15.59 -4.86 -30.46
CA PRO C 138 16.83 -4.09 -30.73
C PRO C 138 18.18 -4.64 -30.25
N THR C 139 19.26 -3.95 -30.64
CA THR C 139 20.62 -4.49 -30.61
C THR C 139 21.67 -3.44 -30.27
O XHN D . 1.35 14.42 16.32
N XHN D . 3.33 13.28 14.68
C XHN D . 2.49 14.34 16.79
CBI XHN D . 2.40 16.79 19.45
CBJ XHN D . 1.51 17.30 20.60
CBK XHN D . 1.38 16.15 21.72
OBN XHN D . 0.54 16.53 22.83
CBL XHN D . 0.86 14.83 21.15
CBM XHN D . 1.83 14.36 20.10
CBH XHN D . 1.92 15.40 18.94
NBF XHN D . 2.86 14.80 18.00
CA XHN D . 3.64 13.64 16.08
CAV XHN D . 4.23 12.80 13.78
CAW XHN D . 5.46 13.44 13.59
CAX XHN D . 6.40 12.98 12.69
OBA XHN D . 7.47 13.54 12.56
NAY XHN D . 6.13 11.92 11.93
CBC XHN D . 7.13 11.42 10.97
CAZ XHN D . 4.89 11.26 12.07
CAU XHN D . 3.92 11.66 12.99
CAA XHN D . 2.74 10.88 13.00
CAF XHN D . 1.96 10.84 11.81
CAE XHN D . 0.78 10.09 11.68
CAH XHN D . 0.00 10.06 10.45
CAI XHN D . -1.52 10.24 10.65
CAJ XHN D . 0.17 8.71 9.80
OAK XHN D . 0.44 11.03 9.44
CAD XHN D . 0.41 9.34 12.80
CAC XHN D . 1.15 9.32 13.99
CAB XHN D . 2.33 10.09 14.10
OAG XHN D . 3.13 10.14 15.22
CAL XHN D . 2.91 9.24 16.26
CAM XHN D . 1.95 9.55 17.22
CAR XHN D . 1.25 10.76 17.14
CAN XHN D . 1.70 8.66 18.26
CAO XHN D . 2.42 7.49 18.39
FAT XHN D . 2.12 6.52 19.59
CAP XHN D . 3.38 7.17 17.42
CAQ XHN D . 3.62 8.04 16.36
CAS XHN D . 4.60 7.66 15.48
O XHN E . 1.58 -2.82 15.91
N XHN E . -0.95 -1.86 16.34
C XHN E . 1.03 -3.13 16.96
CBI XHN E . 3.60 -5.02 17.38
CBJ XHN E . 5.02 -5.51 17.63
CBK XHN E . 5.17 -5.59 19.16
OBN XHN E . 6.37 -6.32 19.56
CBL XHN E . 5.12 -4.15 19.73
CBM XHN E . 3.68 -3.61 19.56
CBH XHN E . 3.17 -3.69 18.10
NBF XHN E . 1.68 -3.60 18.06
CA XHN E . -0.46 -3.11 17.01
CAV XHN E . -2.25 -1.44 16.26
CAW XHN E . -3.26 -2.01 17.07
CAX XHN E . -4.59 -1.57 17.05
OBA XHN E . -5.43 -2.08 17.79
NAY XHN E . -4.93 -0.58 16.23
CBC XHN E . -6.30 -0.10 16.20
CAZ XHN E . -3.98 0.00 15.41
CAU XHN E . -2.64 -0.39 15.37
CAA XHN E . -1.89 0.42 14.47
CAF XHN E . -2.20 0.51 13.08
CAE XHN E . -1.49 1.37 12.20
CAH XHN E . -1.73 1.48 10.80
CAI XHN E . -0.50 1.02 10.02
CAJ XHN E . -2.04 2.92 10.45
OAK XHN E . -2.82 0.70 10.27
CAD XHN E . -0.51 2.15 12.76
CAC XHN E . -0.20 2.08 14.12
CAB XHN E . -0.90 1.26 14.99
OAG XHN E . -0.66 1.13 16.34
CAL XHN E . 0.29 1.86 16.96
CAM XHN E . -0.14 2.99 17.63
CAR XHN E . -1.46 3.32 17.65
CAN XHN E . 0.80 3.78 18.29
CAO XHN E . 2.15 3.43 18.25
FAT XHN E . 2.96 4.18 18.83
CAP XHN E . 2.59 2.27 17.57
CAQ XHN E . 1.64 1.47 16.90
CAS XHN E . 2.09 0.33 16.25
O XHN F . -11.79 -19.92 -13.09
N XHN F . -9.57 -18.75 -14.29
C XHN F . -10.97 -20.70 -13.56
CBI XHN F . -11.91 -24.31 -13.01
CBJ XHN F . -13.05 -25.25 -13.11
CBK XHN F . -13.94 -24.69 -14.21
OBN XHN F . -14.96 -25.60 -14.54
CBL XHN F . -14.58 -23.39 -13.78
CBM XHN F . -13.51 -22.34 -13.81
CBH XHN F . -12.27 -22.77 -13.01
NBF XHN F . -11.10 -22.05 -13.58
CA XHN F . -9.66 -20.24 -14.19
CAV XHN F . -8.49 -18.11 -14.79
CAW XHN F . -7.24 -18.76 -14.94
CAX XHN F . -6.11 -18.12 -15.47
OBA XHN F . -5.03 -18.74 -15.56
NAY XHN F . -6.21 -16.84 -15.86
CBC XHN F . -5.01 -16.16 -16.43
CAZ XHN F . -7.45 -16.14 -15.74
CAU XHN F . -8.62 -16.74 -15.21
CAA XHN F . -9.78 -15.92 -15.16
CAF XHN F . -9.75 -14.74 -14.42
CAE XHN F . -10.84 -13.86 -14.37
CAH XHN F . -10.78 -12.70 -13.62
CAI XHN F . -11.94 -12.68 -12.61
CAJ XHN F . -10.90 -11.51 -14.58
OAK XHN F . -9.52 -12.61 -12.92
CAD XHN F . -12.02 -14.14 -15.08
CAC XHN F . -12.07 -15.31 -15.84
CAB XHN F . -10.95 -16.18 -15.87
OAG XHN F . -10.93 -17.31 -16.58
CAL XHN F . -11.98 -17.64 -17.40
CAM XHN F . -11.85 -17.41 -18.77
CAR XHN F . -10.69 -16.83 -19.28
CAN XHN F . -12.90 -17.78 -19.60
CAO XHN F . -14.06 -18.38 -19.06
FAT XHN F . -15.06 -18.71 -19.84
CAP XHN F . -14.18 -18.60 -17.70
CAQ XHN F . -13.14 -18.27 -16.84
CAS XHN F . -13.29 -18.52 -15.46
#